data_6IFI
#
_entry.id   6IFI
#
_cell.length_a   75.250
_cell.length_b   75.250
_cell.length_c   109.590
_cell.angle_alpha   90.000
_cell.angle_beta   90.000
_cell.angle_gamma   90.000
#
_symmetry.space_group_name_H-M   'P 41'
#
loop_
_entity.id
_entity.type
_entity.pdbx_description
1 polymer 'CMP-N-acetylneuraminate Synthetase'
2 non-polymer 'CALCIUM ION'
3 water water
#
_entity_poly.entity_id   1
_entity_poly.type   'polypeptide(L)'
_entity_poly.pdbx_seq_one_letter_code
;MHHHHHHITSLYKKAGFMSNEYVALITARGGSKGLLRKNVLPLHGIPLIGWTIKAAQGCSYISKVFVSTDDYEIAKISEG
LGALVINRPEELATDTASSIDVILHAISWLEQKEVQKYEGMILLQPTSPLRTSHHIKEAIELYEKTAAKFVISVFEPTHT
PIKSYLENDDGTISGLYSNEAPYQRRQDLPRAYQPNGAIYAFSIDEFKLNNHFPRNKVFPYVMSEVESADIDTLEDLRKV
EEQLKIKEINK
;
_entity_poly.pdbx_strand_id   A,B
#
# COMPACT_ATOMS: atom_id res chain seq x y z
N ASN A 20 21.44 -23.66 15.35
CA ASN A 20 21.32 -25.13 15.26
C ASN A 20 19.86 -25.60 15.36
N GLU A 21 19.21 -25.44 16.55
CA GLU A 21 17.85 -25.94 16.78
C GLU A 21 16.77 -24.87 16.75
N TYR A 22 15.70 -25.15 15.96
CA TYR A 22 14.54 -24.28 15.78
C TYR A 22 13.27 -24.96 16.20
N VAL A 23 12.39 -24.22 16.86
CA VAL A 23 11.06 -24.63 17.27
C VAL A 23 10.04 -23.74 16.50
N ALA A 24 8.95 -24.32 15.99
CA ALA A 24 7.92 -23.54 15.29
C ALA A 24 6.80 -23.22 16.24
N LEU A 25 6.47 -21.93 16.37
CA LEU A 25 5.30 -21.53 17.18
C LEU A 25 4.24 -20.89 16.28
N ILE A 26 3.05 -21.49 16.30
CA ILE A 26 1.86 -21.08 15.57
C ILE A 26 0.82 -20.63 16.60
N THR A 27 0.59 -19.31 16.69
CA THR A 27 -0.35 -18.68 17.61
C THR A 27 -1.75 -18.64 16.99
N ALA A 28 -2.75 -19.29 17.64
CA ALA A 28 -4.14 -19.28 17.18
C ALA A 28 -4.90 -18.11 17.76
N ARG A 37 -12.26 -18.16 14.65
CA ARG A 37 -13.02 -18.93 13.68
C ARG A 37 -12.30 -19.06 12.33
N LYS A 38 -11.37 -18.10 12.02
CA LYS A 38 -10.59 -18.02 10.78
C LYS A 38 -9.58 -19.19 10.61
N ASN A 39 -8.91 -19.59 11.71
CA ASN A 39 -7.90 -20.64 11.80
C ASN A 39 -8.38 -22.04 11.45
N VAL A 40 -9.67 -22.32 11.64
CA VAL A 40 -10.27 -23.63 11.32
C VAL A 40 -11.02 -23.64 9.98
N LEU A 41 -11.06 -22.50 9.26
CA LEU A 41 -11.77 -22.41 7.98
C LEU A 41 -11.20 -23.35 6.96
N PRO A 42 -12.04 -24.11 6.26
CA PRO A 42 -11.52 -25.08 5.29
C PRO A 42 -10.87 -24.45 4.08
N LEU A 43 -9.75 -25.02 3.68
CA LEU A 43 -9.00 -24.60 2.51
C LEU A 43 -8.49 -25.86 1.87
N HIS A 44 -8.92 -26.12 0.61
CA HIS A 44 -8.63 -27.30 -0.20
C HIS A 44 -8.64 -28.62 0.65
N GLY A 45 -9.66 -28.75 1.52
CA GLY A 45 -9.89 -29.91 2.38
C GLY A 45 -9.19 -30.00 3.73
N ILE A 46 -8.38 -28.99 4.07
CA ILE A 46 -7.67 -28.96 5.35
C ILE A 46 -8.00 -27.64 6.03
N PRO A 47 -8.24 -27.61 7.36
CA PRO A 47 -8.47 -26.32 8.04
C PRO A 47 -7.27 -25.41 7.83
N LEU A 48 -7.51 -24.09 7.81
CA LEU A 48 -6.49 -23.08 7.54
C LEU A 48 -5.17 -23.35 8.30
N ILE A 49 -5.27 -23.61 9.62
CA ILE A 49 -4.14 -23.89 10.52
C ILE A 49 -3.33 -25.12 10.07
N GLY A 50 -4.00 -26.10 9.44
CA GLY A 50 -3.44 -27.34 8.92
C GLY A 50 -2.29 -27.12 7.95
N TRP A 51 -2.45 -26.19 7.04
CA TRP A 51 -1.44 -25.77 6.07
C TRP A 51 -0.14 -25.26 6.75
N THR A 52 -0.24 -24.34 7.76
CA THR A 52 0.90 -23.78 8.52
C THR A 52 1.55 -24.86 9.41
N ILE A 53 0.75 -25.81 9.94
CA ILE A 53 1.20 -26.95 10.73
C ILE A 53 2.08 -27.79 9.84
N LYS A 54 1.57 -28.17 8.64
CA LYS A 54 2.23 -29.04 7.62
C LYS A 54 3.46 -28.40 7.00
N ALA A 55 3.44 -27.10 6.80
CA ALA A 55 4.56 -26.32 6.25
C ALA A 55 5.74 -26.35 7.23
N ALA A 56 5.44 -26.17 8.53
CA ALA A 56 6.46 -26.18 9.57
C ALA A 56 7.08 -27.60 9.65
N GLN A 57 6.24 -28.65 9.84
CA GLN A 57 6.58 -30.08 9.93
C GLN A 57 7.37 -30.59 8.73
N GLY A 58 7.13 -30.04 7.55
CA GLY A 58 7.80 -30.48 6.34
C GLY A 58 9.17 -29.88 6.11
N CYS A 59 9.58 -28.90 6.96
CA CYS A 59 10.87 -28.20 6.87
C CYS A 59 11.89 -28.92 7.75
N SER A 60 13.01 -29.40 7.16
CA SER A 60 14.09 -30.12 7.86
C SER A 60 14.72 -29.38 9.06
N TYR A 61 14.72 -28.02 9.07
CA TYR A 61 15.29 -27.22 10.15
C TYR A 61 14.41 -27.11 11.38
N ILE A 62 13.14 -27.46 11.27
CA ILE A 62 12.18 -27.36 12.39
C ILE A 62 12.21 -28.68 13.17
N SER A 63 12.47 -28.59 14.47
CA SER A 63 12.54 -29.75 15.34
C SER A 63 11.15 -30.12 15.84
N LYS A 64 10.46 -29.20 16.54
CA LYS A 64 9.09 -29.43 17.01
C LYS A 64 8.17 -28.30 16.55
N VAL A 65 6.84 -28.56 16.51
CA VAL A 65 5.82 -27.60 16.07
C VAL A 65 4.78 -27.52 17.13
N PHE A 66 4.50 -26.29 17.62
CA PHE A 66 3.46 -26.05 18.62
C PHE A 66 2.43 -25.06 18.17
N VAL A 67 1.20 -25.25 18.65
CA VAL A 67 0.08 -24.35 18.38
C VAL A 67 -0.38 -23.76 19.72
N SER A 68 -0.11 -22.45 19.94
CA SER A 68 -0.51 -21.71 21.15
C SER A 68 -1.99 -21.36 21.04
N THR A 69 -2.87 -22.09 21.75
CA THR A 69 -4.31 -21.87 21.62
C THR A 69 -5.08 -21.95 22.95
N ASP A 70 -6.20 -21.19 23.03
CA ASP A 70 -7.13 -21.13 24.16
C ASP A 70 -8.53 -21.76 23.85
N ASP A 71 -8.60 -22.65 22.86
CA ASP A 71 -9.86 -23.28 22.51
C ASP A 71 -9.69 -24.81 22.29
N TYR A 72 -10.61 -25.62 22.89
CA TYR A 72 -10.62 -27.08 22.81
C TYR A 72 -10.87 -27.63 21.38
N GLU A 73 -11.62 -26.89 20.54
CA GLU A 73 -11.91 -27.34 19.17
C GLU A 73 -10.69 -27.17 18.26
N ILE A 74 -9.93 -26.04 18.45
CA ILE A 74 -8.68 -25.72 17.73
C ILE A 74 -7.55 -26.69 18.18
N ALA A 75 -7.45 -26.93 19.51
CA ALA A 75 -6.47 -27.84 20.11
C ALA A 75 -6.68 -29.32 19.70
N LYS A 76 -7.93 -29.71 19.37
CA LYS A 76 -8.30 -31.06 18.90
C LYS A 76 -7.87 -31.27 17.45
N ILE A 77 -8.05 -30.21 16.59
CA ILE A 77 -7.68 -30.16 15.17
C ILE A 77 -6.15 -30.17 15.08
N SER A 78 -5.50 -29.28 15.88
CA SER A 78 -4.05 -29.14 15.94
C SER A 78 -3.33 -30.45 16.24
N GLU A 79 -3.84 -31.23 17.22
CA GLU A 79 -3.34 -32.54 17.65
C GLU A 79 -3.61 -33.58 16.58
N GLY A 80 -4.69 -33.40 15.82
CA GLY A 80 -5.07 -34.27 14.73
C GLY A 80 -4.09 -34.22 13.57
N LEU A 81 -3.41 -33.06 13.40
CA LEU A 81 -2.43 -32.79 12.34
C LEU A 81 -0.98 -32.91 12.79
N GLY A 82 -0.80 -33.51 13.96
CA GLY A 82 0.52 -33.77 14.51
C GLY A 82 1.19 -32.61 15.18
N ALA A 83 0.46 -31.53 15.42
CA ALA A 83 1.09 -30.43 16.13
C ALA A 83 0.91 -30.66 17.62
N LEU A 84 1.85 -30.15 18.43
CA LEU A 84 1.79 -30.25 19.88
C LEU A 84 1.16 -28.96 20.42
N VAL A 85 0.14 -29.10 21.26
CA VAL A 85 -0.64 -27.97 21.78
C VAL A 85 -0.06 -27.39 23.05
N ILE A 86 0.10 -26.06 23.05
CA ILE A 86 0.48 -25.26 24.19
C ILE A 86 -0.87 -24.68 24.67
N ASN A 87 -1.41 -25.17 25.81
CA ASN A 87 -2.71 -24.72 26.33
C ASN A 87 -2.52 -23.36 27.01
N ARG A 88 -3.06 -22.33 26.39
CA ARG A 88 -2.90 -21.00 26.97
C ARG A 88 -4.18 -20.60 27.74
N PRO A 89 -4.03 -19.65 28.70
CA PRO A 89 -5.18 -19.20 29.51
C PRO A 89 -6.22 -18.43 28.69
N GLU A 90 -7.52 -18.66 28.95
CA GLU A 90 -8.64 -18.04 28.25
C GLU A 90 -8.74 -16.54 28.52
N ALA A 97 -4.32 -11.54 25.46
CA ALA A 97 -4.54 -11.18 24.07
C ALA A 97 -3.27 -10.71 23.30
N SER A 98 -2.32 -10.02 23.99
CA SER A 98 -1.09 -9.48 23.39
C SER A 98 -0.23 -10.53 22.73
N SER A 99 0.36 -10.20 21.57
CA SER A 99 1.23 -11.09 20.79
C SER A 99 2.49 -11.48 21.54
N ILE A 100 3.07 -10.54 22.31
CA ILE A 100 4.30 -10.79 23.08
C ILE A 100 4.03 -11.71 24.27
N ASP A 101 2.85 -11.53 24.91
CA ASP A 101 2.38 -12.32 26.05
C ASP A 101 2.18 -13.79 25.65
N VAL A 102 1.83 -14.04 24.36
CA VAL A 102 1.68 -15.38 23.80
C VAL A 102 3.08 -15.95 23.45
N ILE A 103 4.02 -15.10 22.98
CA ILE A 103 5.39 -15.55 22.69
C ILE A 103 6.11 -15.94 23.98
N LEU A 104 6.09 -15.06 25.01
CA LEU A 104 6.76 -15.31 26.31
C LEU A 104 6.15 -16.49 27.06
N HIS A 105 4.80 -16.68 27.04
CA HIS A 105 4.11 -17.84 27.64
C HIS A 105 4.64 -19.13 27.00
N ALA A 106 4.72 -19.14 25.64
CA ALA A 106 5.21 -20.25 24.82
C ALA A 106 6.65 -20.56 25.20
N ILE A 107 7.49 -19.52 25.39
CA ILE A 107 8.89 -19.65 25.80
C ILE A 107 8.95 -20.30 27.18
N SER A 108 8.13 -19.81 28.15
CA SER A 108 8.04 -20.34 29.52
C SER A 108 7.59 -21.79 29.56
N TRP A 109 6.56 -22.15 28.77
CA TRP A 109 6.04 -23.50 28.61
C TRP A 109 7.16 -24.39 28.08
N LEU A 110 7.88 -23.96 27.04
CA LEU A 110 8.99 -24.72 26.44
C LEU A 110 10.13 -24.98 27.41
N GLU A 111 10.47 -23.99 28.26
CA GLU A 111 11.54 -24.07 29.27
C GLU A 111 11.24 -25.19 30.30
N GLN A 112 10.00 -25.18 30.81
CA GLN A 112 9.44 -26.10 31.80
C GLN A 112 9.06 -27.49 31.30
N LYS A 113 8.45 -27.60 30.08
CA LYS A 113 7.95 -28.88 29.57
C LYS A 113 8.86 -29.58 28.54
N GLU A 114 9.92 -28.90 28.06
CA GLU A 114 10.85 -29.51 27.09
C GLU A 114 12.27 -29.62 27.62
N VAL A 115 12.89 -30.78 27.40
CA VAL A 115 14.24 -31.10 27.84
C VAL A 115 15.31 -30.39 26.98
N GLN A 116 15.10 -30.36 25.66
CA GLN A 116 16.06 -29.75 24.75
C GLN A 116 15.92 -28.23 24.71
N LYS A 117 17.06 -27.54 24.73
CA LYS A 117 17.12 -26.08 24.65
C LYS A 117 17.07 -25.71 23.17
N TYR A 118 16.13 -24.81 22.80
CA TYR A 118 15.96 -24.34 21.43
C TYR A 118 16.64 -22.99 21.29
N GLU A 119 17.38 -22.80 20.20
CA GLU A 119 18.11 -21.54 19.95
C GLU A 119 17.18 -20.46 19.38
N GLY A 120 16.61 -20.75 18.20
CA GLY A 120 15.69 -19.88 17.50
C GLY A 120 14.25 -20.34 17.48
N MET A 121 13.30 -19.38 17.51
CA MET A 121 11.87 -19.59 17.41
C MET A 121 11.45 -19.13 16.01
N ILE A 122 10.59 -19.92 15.36
CA ILE A 122 10.05 -19.58 14.05
C ILE A 122 8.56 -19.34 14.28
N LEU A 123 8.18 -18.07 14.41
CA LEU A 123 6.77 -17.67 14.63
C LEU A 123 6.07 -17.66 13.27
N LEU A 124 5.00 -18.47 13.14
CA LEU A 124 4.26 -18.69 11.90
C LEU A 124 2.77 -18.49 12.08
N GLN A 125 2.24 -17.42 11.49
CA GLN A 125 0.83 -17.01 11.55
C GLN A 125 -0.06 -18.03 10.81
N PRO A 126 -1.14 -18.58 11.43
CA PRO A 126 -1.98 -19.59 10.74
C PRO A 126 -2.81 -19.09 9.57
N THR A 127 -2.90 -17.77 9.41
CA THR A 127 -3.65 -17.10 8.36
C THR A 127 -2.78 -16.79 7.11
N SER A 128 -1.59 -17.41 6.96
CA SER A 128 -0.71 -17.26 5.79
C SER A 128 -0.49 -18.63 5.08
N PRO A 129 -1.56 -19.29 4.56
CA PRO A 129 -1.38 -20.63 3.95
C PRO A 129 -0.51 -20.76 2.70
N LEU A 130 -0.16 -19.63 2.05
CA LEU A 130 0.64 -19.61 0.83
C LEU A 130 2.14 -19.59 1.13
N ARG A 131 2.50 -19.58 2.44
CA ARG A 131 3.86 -19.66 2.95
C ARG A 131 4.13 -21.16 3.21
N THR A 132 5.03 -21.72 2.40
CA THR A 132 5.38 -23.13 2.36
C THR A 132 6.60 -23.50 3.19
N SER A 133 6.97 -24.80 3.19
CA SER A 133 8.17 -25.31 3.88
C SER A 133 9.42 -24.68 3.24
N HIS A 134 9.40 -24.46 1.90
CA HIS A 134 10.47 -23.83 1.11
C HIS A 134 10.71 -22.41 1.59
N HIS A 135 9.64 -21.65 1.81
CA HIS A 135 9.72 -20.29 2.32
C HIS A 135 10.39 -20.27 3.67
N ILE A 136 9.99 -21.17 4.57
CA ILE A 136 10.55 -21.34 5.93
C ILE A 136 12.01 -21.72 5.84
N LYS A 137 12.36 -22.61 4.88
CA LYS A 137 13.73 -23.10 4.64
C LYS A 137 14.61 -21.89 4.27
N GLU A 138 14.23 -21.19 3.16
CA GLU A 138 14.90 -19.99 2.66
C GLU A 138 15.01 -18.92 3.75
N ALA A 139 13.97 -18.77 4.59
CA ALA A 139 13.95 -17.81 5.69
C ALA A 139 15.05 -18.12 6.71
N ILE A 140 15.14 -19.40 7.17
CA ILE A 140 16.13 -19.92 8.14
C ILE A 140 17.55 -19.87 7.53
N GLU A 141 17.68 -20.23 6.22
CA GLU A 141 18.95 -20.16 5.50
C GLU A 141 19.50 -18.74 5.53
N LEU A 142 18.64 -17.72 5.39
CA LEU A 142 19.01 -16.30 5.46
C LEU A 142 19.38 -15.90 6.90
N TYR A 143 18.62 -16.40 7.90
CA TYR A 143 18.85 -16.13 9.34
C TYR A 143 20.24 -16.62 9.76
N GLU A 144 20.70 -17.71 9.12
CA GLU A 144 22.01 -18.31 9.30
C GLU A 144 23.06 -17.54 8.49
N LYS A 145 22.90 -17.47 7.16
CA LYS A 145 23.80 -16.77 6.22
C LYS A 145 24.14 -15.35 6.67
N THR A 146 23.12 -14.53 6.95
CA THR A 146 23.32 -13.16 7.39
C THR A 146 23.71 -13.05 8.87
N ALA A 147 23.53 -14.14 9.64
CA ALA A 147 23.74 -14.20 11.09
C ALA A 147 22.91 -13.08 11.78
N ALA A 148 21.65 -12.97 11.34
CA ALA A 148 20.68 -11.99 11.79
C ALA A 148 20.22 -12.25 13.21
N LYS A 149 19.69 -11.21 13.87
CA LYS A 149 19.12 -11.29 15.22
C LYS A 149 17.63 -11.57 15.07
N PHE A 150 17.08 -11.13 13.91
CA PHE A 150 15.69 -11.23 13.48
C PHE A 150 15.62 -11.30 11.94
N VAL A 151 14.71 -12.15 11.41
CA VAL A 151 14.36 -12.30 9.99
C VAL A 151 12.83 -12.21 9.95
N ILE A 152 12.33 -11.31 9.11
CA ILE A 152 10.92 -11.04 8.98
C ILE A 152 10.51 -11.19 7.50
N SER A 153 9.45 -12.00 7.22
CA SER A 153 8.99 -12.17 5.84
C SER A 153 8.21 -10.93 5.40
N VAL A 154 8.64 -10.35 4.28
CA VAL A 154 8.11 -9.09 3.72
C VAL A 154 7.78 -9.22 2.22
N PHE A 155 7.20 -8.15 1.67
CA PHE A 155 6.89 -7.97 0.26
C PHE A 155 7.01 -6.49 -0.09
N GLU A 156 7.39 -6.19 -1.36
CA GLU A 156 7.47 -4.82 -1.87
C GLU A 156 6.06 -4.46 -2.36
N PRO A 157 5.31 -3.54 -1.71
CA PRO A 157 3.97 -3.22 -2.21
C PRO A 157 3.96 -2.60 -3.61
N THR A 158 2.83 -2.72 -4.31
CA THR A 158 2.67 -2.12 -5.64
C THR A 158 2.85 -0.57 -5.54
N HIS A 159 2.25 0.07 -4.50
CA HIS A 159 2.40 1.50 -4.18
C HIS A 159 3.43 1.57 -3.05
N THR A 160 4.73 1.77 -3.37
CA THR A 160 5.82 1.81 -2.40
C THR A 160 5.61 2.83 -1.27
N PRO A 161 5.77 2.41 0.01
CA PRO A 161 5.63 3.38 1.12
C PRO A 161 6.69 4.50 1.09
N ILE A 162 7.82 4.29 0.37
CA ILE A 162 8.91 5.25 0.24
C ILE A 162 8.50 6.55 -0.51
N LYS A 163 7.38 6.51 -1.28
CA LYS A 163 6.83 7.62 -2.07
C LYS A 163 5.50 8.12 -1.47
N SER A 164 5.20 7.76 -0.21
CA SER A 164 3.97 8.18 0.46
C SER A 164 4.16 9.51 1.16
N TYR A 165 3.07 10.01 1.78
CA TYR A 165 2.98 11.28 2.49
C TYR A 165 2.60 11.02 3.96
N LEU A 166 3.08 11.89 4.84
CA LEU A 166 2.82 11.82 6.27
C LEU A 166 2.08 13.09 6.68
N GLU A 167 0.97 12.93 7.43
CA GLU A 167 0.12 13.99 7.93
C GLU A 167 0.71 14.65 9.17
N ASN A 168 1.07 15.95 9.04
CA ASN A 168 1.61 16.79 10.12
C ASN A 168 0.52 17.22 11.11
N ASP A 169 0.93 17.81 12.24
CA ASP A 169 0.02 18.20 13.31
C ASP A 169 -0.90 19.37 12.93
N ASP A 170 -0.41 20.28 12.06
CA ASP A 170 -1.18 21.42 11.56
C ASP A 170 -2.27 21.01 10.53
N GLY A 171 -2.17 19.76 10.04
CA GLY A 171 -3.11 19.17 9.08
C GLY A 171 -2.50 19.02 7.71
N THR A 172 -1.32 19.63 7.51
CA THR A 172 -0.54 19.63 6.28
C THR A 172 0.00 18.20 6.00
N ILE A 173 0.61 17.97 4.81
CA ILE A 173 1.23 16.69 4.41
C ILE A 173 2.57 16.92 3.72
N SER A 174 3.54 16.07 4.08
CA SER A 174 4.90 16.07 3.53
C SER A 174 5.41 14.65 3.45
N GLY A 175 6.27 14.39 2.47
CA GLY A 175 6.87 13.09 2.22
C GLY A 175 7.29 12.33 3.47
N LEU A 176 7.01 11.01 3.47
CA LEU A 176 7.34 10.15 4.61
C LEU A 176 8.83 9.88 4.72
N TYR A 177 9.50 9.58 3.61
CA TYR A 177 10.93 9.36 3.63
C TYR A 177 11.65 10.72 3.67
N SER A 178 11.45 11.53 2.61
CA SER A 178 11.96 12.89 2.45
C SER A 178 10.87 13.73 1.74
N ASN A 179 10.97 15.07 1.81
CA ASN A 179 10.01 15.98 1.14
C ASN A 179 10.00 15.80 -0.38
N GLU A 180 11.17 15.43 -0.97
CA GLU A 180 11.33 15.24 -2.41
C GLU A 180 10.93 13.85 -2.91
N ALA A 181 10.80 12.85 -1.99
CA ALA A 181 10.47 11.45 -2.28
C ALA A 181 9.21 11.24 -3.11
N PRO A 182 8.01 11.82 -2.79
CA PRO A 182 6.82 11.58 -3.62
C PRO A 182 6.98 11.90 -5.10
N TYR A 183 8.02 12.70 -5.40
CA TYR A 183 8.36 13.23 -6.71
C TYR A 183 9.58 12.54 -7.33
N GLN A 184 10.47 11.95 -6.51
CA GLN A 184 11.62 11.19 -7.03
C GLN A 184 11.13 9.81 -7.48
N ARG A 185 11.70 9.26 -8.58
CA ARG A 185 11.28 7.93 -9.08
C ARG A 185 11.76 6.78 -8.15
N ARG A 186 11.02 5.64 -8.20
CA ARG A 186 11.22 4.43 -7.38
C ARG A 186 12.66 3.92 -7.39
N GLN A 187 13.26 3.79 -8.59
CA GLN A 187 14.63 3.33 -8.84
C GLN A 187 15.66 4.11 -8.00
N ASP A 188 15.52 5.46 -7.98
CA ASP A 188 16.40 6.41 -7.29
C ASP A 188 16.18 6.48 -5.76
N LEU A 189 15.31 5.62 -5.21
CA LEU A 189 14.99 5.61 -3.78
C LEU A 189 15.22 4.25 -3.12
N PRO A 190 15.58 4.20 -1.80
CA PRO A 190 15.78 2.90 -1.13
C PRO A 190 14.50 2.07 -0.95
N ARG A 191 14.63 0.73 -1.09
CA ARG A 191 13.54 -0.25 -0.98
C ARG A 191 12.76 -0.18 0.33
N ALA A 192 11.44 -0.06 0.22
CA ALA A 192 10.51 -0.07 1.33
C ALA A 192 9.70 -1.36 1.26
N TYR A 193 9.61 -2.05 2.39
CA TYR A 193 8.95 -3.34 2.53
C TYR A 193 7.83 -3.27 3.52
N GLN A 194 6.87 -4.20 3.37
CA GLN A 194 5.77 -4.34 4.31
C GLN A 194 5.81 -5.77 4.85
N PRO A 195 5.62 -5.99 6.17
CA PRO A 195 5.59 -7.37 6.66
C PRO A 195 4.30 -8.09 6.22
N ASN A 196 4.38 -9.37 5.81
CA ASN A 196 3.18 -10.13 5.48
C ASN A 196 2.72 -10.97 6.65
N GLY A 197 3.59 -11.09 7.67
CA GLY A 197 3.34 -11.80 8.93
C GLY A 197 3.40 -13.30 8.85
N ALA A 198 3.97 -13.85 7.75
CA ALA A 198 4.01 -15.27 7.52
C ALA A 198 5.08 -15.97 8.30
N ILE A 199 6.27 -15.35 8.44
CA ILE A 199 7.45 -15.84 9.14
C ILE A 199 8.11 -14.71 9.96
N TYR A 200 8.51 -15.04 11.19
CA TYR A 200 9.30 -14.21 12.12
C TYR A 200 10.29 -15.19 12.75
N ALA A 201 11.55 -15.10 12.35
CA ALA A 201 12.64 -15.95 12.84
C ALA A 201 13.50 -15.11 13.80
N PHE A 202 13.52 -15.50 15.06
CA PHE A 202 14.28 -14.77 16.07
C PHE A 202 14.95 -15.70 17.09
N SER A 203 15.80 -15.15 17.99
CA SER A 203 16.49 -15.91 19.03
C SER A 203 15.65 -15.89 20.33
N ILE A 204 15.38 -17.07 20.93
CA ILE A 204 14.56 -17.21 22.15
C ILE A 204 15.21 -16.49 23.34
N ASP A 205 16.56 -16.48 23.39
CA ASP A 205 17.39 -15.84 24.42
C ASP A 205 17.30 -14.30 24.33
N GLU A 206 17.43 -13.73 23.11
CA GLU A 206 17.32 -12.27 22.89
C GLU A 206 15.92 -11.74 23.21
N PHE A 207 14.83 -12.39 22.70
CA PHE A 207 13.44 -11.99 22.98
C PHE A 207 13.08 -12.07 24.50
N LYS A 208 13.69 -13.01 25.26
CA LYS A 208 13.42 -13.14 26.69
C LYS A 208 13.94 -11.94 27.49
N LEU A 209 15.16 -11.46 27.17
CA LEU A 209 15.78 -10.32 27.87
C LEU A 209 15.08 -8.98 27.54
N ASN A 210 14.69 -8.74 26.25
CA ASN A 210 14.00 -7.53 25.80
C ASN A 210 12.50 -7.52 26.10
N ASN A 211 11.82 -8.68 26.02
CA ASN A 211 10.35 -8.84 26.15
C ASN A 211 9.66 -8.19 24.93
N HIS A 212 10.40 -8.14 23.79
CA HIS A 212 10.03 -7.59 22.49
C HIS A 212 10.98 -8.11 21.38
N PHE A 213 10.61 -7.87 20.11
CA PHE A 213 11.39 -8.30 18.95
C PHE A 213 12.70 -7.50 18.82
N PRO A 214 13.79 -8.08 18.26
CA PRO A 214 15.03 -7.29 18.10
C PRO A 214 14.81 -6.06 17.24
N ARG A 215 15.38 -4.93 17.64
CA ARG A 215 15.29 -3.69 16.89
C ARG A 215 16.56 -3.46 16.07
N ASN A 216 17.54 -4.38 16.20
CA ASN A 216 18.83 -4.31 15.48
C ASN A 216 19.14 -5.64 14.78
N LYS A 217 19.95 -5.57 13.70
CA LYS A 217 20.38 -6.69 12.83
C LYS A 217 19.18 -7.49 12.24
N VAL A 218 18.08 -6.77 11.94
CA VAL A 218 16.84 -7.30 11.37
C VAL A 218 16.99 -7.34 9.84
N PHE A 219 16.85 -8.52 9.23
CA PHE A 219 16.99 -8.76 7.80
C PHE A 219 15.67 -9.14 7.13
N PRO A 220 15.43 -8.76 5.86
CA PRO A 220 14.16 -9.12 5.23
C PRO A 220 14.20 -10.38 4.37
N TYR A 221 13.19 -11.22 4.50
CA TYR A 221 13.06 -12.36 3.60
C TYR A 221 11.91 -11.95 2.68
N VAL A 222 12.24 -11.70 1.42
CA VAL A 222 11.27 -11.14 0.48
C VAL A 222 10.50 -12.22 -0.28
N MET A 223 9.16 -12.10 -0.22
CA MET A 223 8.17 -12.95 -0.87
C MET A 223 7.33 -12.05 -1.77
N SER A 224 6.61 -12.65 -2.75
CA SER A 224 5.77 -11.89 -3.66
C SER A 224 4.57 -11.32 -2.96
N GLU A 225 3.82 -10.44 -3.64
CA GLU A 225 2.61 -9.84 -3.09
C GLU A 225 1.50 -10.89 -3.15
N VAL A 226 1.68 -11.88 -4.03
CA VAL A 226 0.77 -13.01 -4.28
C VAL A 226 0.86 -14.01 -3.11
N GLU A 227 2.10 -14.40 -2.76
CA GLU A 227 2.48 -15.31 -1.68
C GLU A 227 2.22 -14.69 -0.30
N SER A 228 1.95 -13.37 -0.24
CA SER A 228 1.75 -12.56 0.96
C SER A 228 0.32 -12.45 1.46
N ALA A 229 -0.59 -13.25 0.92
CA ALA A 229 -2.01 -13.29 1.27
C ALA A 229 -2.22 -13.65 2.76
N ASP A 230 -2.90 -12.75 3.50
CA ASP A 230 -3.23 -12.87 4.92
C ASP A 230 -4.76 -12.95 5.04
N ILE A 231 -5.33 -14.17 5.19
CA ILE A 231 -6.78 -14.44 5.30
C ILE A 231 -7.39 -13.77 6.54
N ASP A 232 -8.27 -12.78 6.31
CA ASP A 232 -8.96 -12.01 7.34
C ASP A 232 -10.49 -12.15 7.18
N THR A 233 -10.97 -11.92 5.93
CA THR A 233 -12.38 -11.99 5.48
C THR A 233 -12.61 -13.30 4.72
N LEU A 234 -13.88 -13.67 4.49
CA LEU A 234 -14.18 -14.87 3.71
C LEU A 234 -13.91 -14.66 2.21
N GLU A 235 -13.85 -13.39 1.74
CA GLU A 235 -13.48 -13.10 0.35
C GLU A 235 -12.00 -13.41 0.13
N ASP A 236 -11.13 -13.13 1.16
CA ASP A 236 -9.69 -13.46 1.20
C ASP A 236 -9.49 -14.97 1.01
N LEU A 237 -10.23 -15.81 1.78
CA LEU A 237 -10.18 -17.27 1.68
C LEU A 237 -10.54 -17.74 0.26
N ARG A 238 -11.68 -17.24 -0.28
CA ARG A 238 -12.24 -17.54 -1.61
C ARG A 238 -11.20 -17.27 -2.71
N LYS A 239 -10.53 -16.11 -2.64
CA LYS A 239 -9.46 -15.72 -3.56
C LYS A 239 -8.27 -16.71 -3.49
N VAL A 240 -7.90 -17.16 -2.25
CA VAL A 240 -6.81 -18.11 -1.99
C VAL A 240 -7.18 -19.53 -2.50
N GLU A 241 -8.47 -19.97 -2.33
CA GLU A 241 -8.96 -21.26 -2.85
C GLU A 241 -8.79 -21.29 -4.39
N GLU A 242 -9.13 -20.17 -5.05
CA GLU A 242 -9.01 -19.99 -6.49
C GLU A 242 -7.53 -19.78 -6.88
N GLN A 243 -6.63 -20.75 -6.54
CA GLN A 243 -5.19 -20.69 -6.82
C GLN A 243 -4.55 -22.07 -6.86
N ASN B 20 -12.15 34.05 -7.38
CA ASN B 20 -11.24 32.96 -7.79
C ASN B 20 -11.78 32.10 -8.97
N GLU B 21 -10.97 32.03 -10.05
CA GLU B 21 -11.25 31.33 -11.32
C GLU B 21 -10.31 30.11 -11.48
N TYR B 22 -10.92 28.93 -11.71
CA TYR B 22 -10.17 27.68 -11.91
C TYR B 22 -10.27 27.14 -13.32
N VAL B 23 -9.18 26.58 -13.78
CA VAL B 23 -9.10 25.92 -15.08
C VAL B 23 -8.83 24.40 -14.84
N ALA B 24 -9.55 23.50 -15.55
CA ALA B 24 -9.31 22.08 -15.41
C ALA B 24 -8.38 21.62 -16.50
N LEU B 25 -7.26 21.02 -16.12
CA LEU B 25 -6.35 20.46 -17.11
C LEU B 25 -6.37 18.93 -16.99
N ILE B 26 -6.66 18.23 -18.12
CA ILE B 26 -6.73 16.79 -18.29
C ILE B 26 -5.66 16.40 -19.31
N THR B 27 -4.60 15.74 -18.86
CA THR B 27 -3.46 15.30 -19.67
C THR B 27 -3.73 13.88 -20.16
N ALA B 28 -3.87 13.70 -21.47
CA ALA B 28 -4.11 12.39 -22.05
C ALA B 28 -3.27 12.16 -23.31
N ARG B 29 -2.42 11.11 -23.31
CA ARG B 29 -1.57 10.71 -24.44
C ARG B 29 -2.30 9.60 -25.24
N GLY B 30 -1.74 9.20 -26.37
CA GLY B 30 -2.29 8.10 -27.17
C GLY B 30 -1.61 6.76 -26.89
N GLY B 31 -2.20 5.67 -27.37
CA GLY B 31 -1.69 4.31 -27.21
C GLY B 31 -0.30 4.03 -27.79
N SER B 32 0.67 3.73 -26.88
CA SER B 32 2.10 3.43 -27.13
C SER B 32 2.85 4.61 -27.72
N LEU B 36 -2.00 -0.16 -25.01
CA LEU B 36 -3.41 -0.01 -24.61
C LEU B 36 -3.84 1.48 -24.59
N ARG B 37 -4.78 1.84 -25.50
CA ARG B 37 -5.39 3.17 -25.68
C ARG B 37 -6.47 3.34 -24.57
N LYS B 38 -6.02 3.42 -23.29
CA LYS B 38 -6.94 3.42 -22.15
C LYS B 38 -7.88 4.62 -22.07
N ASN B 39 -7.40 5.87 -22.34
CA ASN B 39 -8.20 7.10 -22.23
C ASN B 39 -9.49 7.09 -23.05
N VAL B 40 -9.54 6.33 -24.14
CA VAL B 40 -10.70 6.23 -25.02
C VAL B 40 -11.53 4.95 -24.78
N LEU B 41 -11.11 4.10 -23.83
CA LEU B 41 -11.82 2.86 -23.56
C LEU B 41 -13.23 3.10 -23.11
N PRO B 42 -14.22 2.40 -23.68
CA PRO B 42 -15.61 2.64 -23.28
C PRO B 42 -15.91 2.20 -21.85
N LEU B 43 -16.65 3.04 -21.15
CA LEU B 43 -17.10 2.79 -19.81
C LEU B 43 -18.51 3.31 -19.75
N HIS B 44 -19.48 2.40 -19.62
CA HIS B 44 -20.93 2.66 -19.55
C HIS B 44 -21.42 3.60 -20.63
N GLY B 45 -20.88 3.40 -21.83
CA GLY B 45 -21.23 4.16 -23.02
C GLY B 45 -20.51 5.46 -23.28
N ILE B 46 -19.54 5.83 -22.42
CA ILE B 46 -18.75 7.05 -22.61
C ILE B 46 -17.28 6.67 -22.55
N PRO B 47 -16.42 7.20 -23.44
CA PRO B 47 -14.98 6.87 -23.34
C PRO B 47 -14.44 7.29 -21.99
N LEU B 48 -13.42 6.59 -21.47
CA LEU B 48 -12.85 6.82 -20.15
C LEU B 48 -12.67 8.32 -19.84
N ILE B 49 -12.04 9.06 -20.78
CA ILE B 49 -11.76 10.50 -20.70
C ILE B 49 -13.06 11.33 -20.55
N GLY B 50 -14.17 10.85 -21.13
CA GLY B 50 -15.49 11.47 -21.08
C GLY B 50 -15.95 11.72 -19.66
N TRP B 51 -15.84 10.72 -18.79
CA TRP B 51 -16.16 10.79 -17.36
C TRP B 51 -15.43 11.94 -16.67
N THR B 52 -14.11 12.07 -16.87
CA THR B 52 -13.30 13.12 -16.24
C THR B 52 -13.63 14.52 -16.80
N ILE B 53 -13.92 14.65 -18.13
CA ILE B 53 -14.33 15.92 -18.75
C ILE B 53 -15.68 16.30 -18.11
N LYS B 54 -16.66 15.35 -18.10
CA LYS B 54 -17.98 15.58 -17.50
C LYS B 54 -17.94 15.92 -16.04
N ALA B 55 -17.02 15.31 -15.26
CA ALA B 55 -16.82 15.58 -13.83
C ALA B 55 -16.31 17.00 -13.64
N ALA B 56 -15.35 17.43 -14.48
CA ALA B 56 -14.79 18.78 -14.44
C ALA B 56 -15.89 19.79 -14.78
N GLN B 57 -16.54 19.64 -15.96
CA GLN B 57 -17.66 20.45 -16.49
C GLN B 57 -18.84 20.58 -15.57
N GLY B 58 -19.11 19.55 -14.78
CA GLY B 58 -20.25 19.54 -13.87
C GLY B 58 -20.03 20.23 -12.53
N CYS B 59 -18.78 20.67 -12.25
CA CYS B 59 -18.36 21.37 -11.04
C CYS B 59 -18.47 22.88 -11.26
N SER B 60 -19.28 23.57 -10.43
CA SER B 60 -19.51 25.04 -10.55
C SER B 60 -18.25 25.92 -10.49
N TYR B 61 -17.17 25.48 -9.80
CA TYR B 61 -15.92 26.23 -9.66
C TYR B 61 -15.03 26.18 -10.88
N ILE B 62 -15.28 25.26 -11.82
CA ILE B 62 -14.45 25.09 -13.01
C ILE B 62 -14.98 25.99 -14.11
N SER B 63 -14.12 26.88 -14.61
CA SER B 63 -14.47 27.84 -15.65
C SER B 63 -14.34 27.19 -17.03
N LYS B 64 -13.12 26.72 -17.38
CA LYS B 64 -12.88 26.06 -18.66
C LYS B 64 -12.21 24.70 -18.42
N VAL B 65 -12.35 23.77 -19.39
CA VAL B 65 -11.81 22.42 -19.32
C VAL B 65 -10.90 22.26 -20.55
N PHE B 66 -9.61 21.95 -20.33
CA PHE B 66 -8.62 21.72 -21.39
C PHE B 66 -8.05 20.30 -21.36
N VAL B 67 -7.89 19.68 -22.52
CA VAL B 67 -7.29 18.35 -22.66
C VAL B 67 -6.00 18.55 -23.46
N SER B 68 -4.83 18.28 -22.84
CA SER B 68 -3.53 18.35 -23.53
C SER B 68 -3.35 16.99 -24.18
N THR B 69 -3.48 16.92 -25.51
CA THR B 69 -3.34 15.64 -26.18
C THR B 69 -2.54 15.72 -27.46
N ASP B 70 -1.89 14.61 -27.76
CA ASP B 70 -1.04 14.38 -28.93
C ASP B 70 -1.77 13.47 -29.94
N ASP B 71 -3.06 13.11 -29.64
CA ASP B 71 -3.84 12.13 -30.39
C ASP B 71 -5.14 12.68 -30.93
N TYR B 72 -5.43 12.37 -32.20
CA TYR B 72 -6.62 12.84 -32.93
C TYR B 72 -7.92 12.37 -32.30
N GLU B 73 -8.04 11.05 -31.95
CA GLU B 73 -9.26 10.48 -31.38
C GLU B 73 -9.57 11.11 -30.04
N ILE B 74 -8.53 11.32 -29.19
CA ILE B 74 -8.75 11.96 -27.89
C ILE B 74 -9.23 13.39 -28.11
N ALA B 75 -8.58 14.15 -29.02
CA ALA B 75 -8.98 15.52 -29.29
C ALA B 75 -10.38 15.65 -29.89
N LYS B 76 -10.76 14.72 -30.76
CA LYS B 76 -12.09 14.76 -31.38
C LYS B 76 -13.18 14.46 -30.33
N ILE B 77 -12.93 13.49 -29.42
CA ILE B 77 -13.85 13.15 -28.33
C ILE B 77 -13.99 14.36 -27.42
N SER B 78 -12.83 14.94 -27.03
CA SER B 78 -12.73 16.10 -26.16
C SER B 78 -13.56 17.25 -26.70
N GLU B 79 -13.37 17.60 -27.99
CA GLU B 79 -14.10 18.67 -28.67
C GLU B 79 -15.58 18.36 -28.80
N GLY B 80 -15.91 17.08 -28.84
CA GLY B 80 -17.28 16.62 -28.93
C GLY B 80 -18.06 16.85 -27.66
N LEU B 81 -17.36 16.90 -26.50
CA LEU B 81 -17.96 17.13 -25.19
C LEU B 81 -17.82 18.58 -24.70
N GLY B 82 -17.42 19.47 -25.60
CA GLY B 82 -17.24 20.88 -25.29
C GLY B 82 -15.94 21.22 -24.60
N ALA B 83 -15.01 20.28 -24.55
CA ALA B 83 -13.72 20.57 -23.95
C ALA B 83 -12.82 21.20 -25.01
N LEU B 84 -11.89 22.04 -24.57
CA LEU B 84 -10.92 22.70 -25.41
C LEU B 84 -9.62 21.90 -25.45
N VAL B 85 -9.12 21.63 -26.66
CA VAL B 85 -7.90 20.87 -26.90
C VAL B 85 -6.63 21.73 -26.90
N ILE B 86 -5.64 21.33 -26.09
CA ILE B 86 -4.31 21.92 -26.06
C ILE B 86 -3.46 20.95 -26.86
N ASN B 87 -3.03 21.34 -28.07
CA ASN B 87 -2.22 20.45 -28.89
C ASN B 87 -0.79 20.43 -28.43
N ARG B 88 -0.37 19.23 -27.98
CA ARG B 88 0.90 18.91 -27.35
C ARG B 88 1.95 18.35 -28.34
N PRO B 89 3.24 18.78 -28.29
CA PRO B 89 4.24 18.17 -29.19
C PRO B 89 5.03 16.98 -28.59
N GLU B 90 6.03 16.46 -29.35
CA GLU B 90 6.89 15.35 -28.90
C GLU B 90 7.95 15.86 -27.90
N THR B 96 8.13 9.49 -23.45
CA THR B 96 8.21 9.36 -21.99
C THR B 96 8.47 10.73 -21.33
N ALA B 97 7.84 11.79 -21.90
CA ALA B 97 7.95 13.21 -21.50
C ALA B 97 7.54 13.49 -20.04
N SER B 98 8.23 14.45 -19.39
CA SER B 98 7.96 14.85 -18.00
C SER B 98 6.55 15.44 -17.82
N SER B 99 5.91 15.10 -16.68
CA SER B 99 4.58 15.56 -16.33
C SER B 99 4.54 17.09 -16.10
N ILE B 100 5.63 17.67 -15.54
CA ILE B 100 5.81 19.11 -15.25
C ILE B 100 5.89 19.89 -16.59
N ASP B 101 6.61 19.32 -17.57
CA ASP B 101 6.80 19.88 -18.92
C ASP B 101 5.46 19.98 -19.67
N VAL B 102 4.50 19.14 -19.28
CA VAL B 102 3.15 19.14 -19.82
C VAL B 102 2.33 20.27 -19.16
N ILE B 103 2.43 20.41 -17.84
CA ILE B 103 1.75 21.46 -17.09
C ILE B 103 2.32 22.83 -17.47
N LEU B 104 3.65 22.94 -17.69
CA LEU B 104 4.32 24.20 -18.05
C LEU B 104 3.95 24.63 -19.45
N HIS B 105 3.78 23.66 -20.35
CA HIS B 105 3.35 23.91 -21.70
C HIS B 105 1.90 24.43 -21.68
N ALA B 106 1.03 23.76 -20.89
CA ALA B 106 -0.39 24.07 -20.70
C ALA B 106 -0.53 25.48 -20.17
N ILE B 107 0.32 25.85 -19.17
CA ILE B 107 0.34 27.18 -18.56
C ILE B 107 0.70 28.22 -19.62
N SER B 108 1.77 27.95 -20.42
CA SER B 108 2.24 28.82 -21.51
C SER B 108 1.17 29.02 -22.58
N TRP B 109 0.51 27.92 -23.02
CA TRP B 109 -0.58 27.93 -23.99
C TRP B 109 -1.70 28.81 -23.45
N LEU B 110 -2.10 28.62 -22.18
CA LEU B 110 -3.16 29.38 -21.54
C LEU B 110 -2.88 30.87 -21.46
N GLU B 111 -1.62 31.25 -21.18
CA GLU B 111 -1.15 32.64 -21.07
C GLU B 111 -1.35 33.38 -22.40
N GLN B 112 -0.89 32.73 -23.50
CA GLN B 112 -0.93 33.19 -24.89
C GLN B 112 -2.28 33.11 -25.59
N LYS B 113 -3.06 32.03 -25.37
CA LYS B 113 -4.33 31.81 -26.09
C LYS B 113 -5.60 32.18 -25.30
N GLU B 114 -5.49 32.47 -23.99
CA GLU B 114 -6.65 32.84 -23.18
C GLU B 114 -6.53 34.24 -22.60
N VAL B 115 -7.62 35.00 -22.68
CA VAL B 115 -7.68 36.39 -22.23
C VAL B 115 -7.76 36.48 -20.71
N GLN B 116 -8.57 35.61 -20.09
CA GLN B 116 -8.77 35.59 -18.65
C GLN B 116 -7.61 34.92 -17.91
N LYS B 117 -7.15 35.57 -16.83
CA LYS B 117 -6.09 35.04 -15.99
C LYS B 117 -6.72 34.05 -15.01
N TYR B 118 -6.17 32.83 -14.95
CA TYR B 118 -6.64 31.78 -14.05
C TYR B 118 -5.75 31.74 -12.82
N GLU B 119 -6.39 31.60 -11.64
CA GLU B 119 -5.70 31.58 -10.33
C GLU B 119 -5.09 30.21 -10.11
N GLY B 120 -5.99 29.22 -10.11
CA GLY B 120 -5.65 27.84 -9.86
C GLY B 120 -5.89 26.90 -11.00
N MET B 121 -5.04 25.87 -11.07
CA MET B 121 -5.16 24.79 -12.04
C MET B 121 -5.65 23.56 -11.30
N ILE B 122 -6.60 22.84 -11.88
CA ILE B 122 -7.12 21.59 -11.31
C ILE B 122 -6.67 20.50 -12.30
N LEU B 123 -5.57 19.81 -11.99
CA LEU B 123 -5.00 18.74 -12.80
C LEU B 123 -5.79 17.45 -12.50
N LEU B 124 -6.43 16.88 -13.54
CA LEU B 124 -7.32 15.71 -13.43
C LEU B 124 -6.94 14.61 -14.40
N GLN B 125 -6.44 13.48 -13.86
CA GLN B 125 -6.03 12.27 -14.60
C GLN B 125 -7.24 11.58 -15.27
N PRO B 126 -7.22 11.32 -16.61
CA PRO B 126 -8.40 10.69 -17.26
C PRO B 126 -8.71 9.24 -16.89
N THR B 127 -7.78 8.58 -16.19
CA THR B 127 -7.89 7.21 -15.76
C THR B 127 -8.48 7.07 -14.31
N SER B 128 -9.10 8.13 -13.75
CA SER B 128 -9.75 8.11 -12.45
C SER B 128 -11.26 8.39 -12.57
N PRO B 129 -12.06 7.53 -13.29
CA PRO B 129 -13.50 7.82 -13.48
C PRO B 129 -14.40 7.83 -12.25
N LEU B 130 -13.91 7.32 -11.10
CA LEU B 130 -14.70 7.28 -9.86
C LEU B 130 -14.56 8.59 -9.02
N ARG B 131 -13.75 9.56 -9.55
CA ARG B 131 -13.58 10.89 -9.00
C ARG B 131 -14.61 11.77 -9.72
N THR B 132 -15.61 12.22 -8.96
CA THR B 132 -16.75 12.96 -9.43
C THR B 132 -16.61 14.48 -9.32
N SER B 133 -17.67 15.22 -9.75
CA SER B 133 -17.73 16.66 -9.63
C SER B 133 -17.72 17.06 -8.14
N HIS B 134 -18.37 16.23 -7.27
CA HIS B 134 -18.43 16.41 -5.81
C HIS B 134 -17.06 16.36 -5.21
N HIS B 135 -16.24 15.40 -5.62
CA HIS B 135 -14.85 15.26 -5.17
C HIS B 135 -14.06 16.50 -5.51
N ILE B 136 -14.18 17.00 -6.77
CA ILE B 136 -13.53 18.21 -7.28
C ILE B 136 -14.00 19.42 -6.48
N LYS B 137 -15.32 19.49 -6.16
CA LYS B 137 -15.96 20.57 -5.39
C LYS B 137 -15.32 20.62 -4.02
N GLU B 138 -15.42 19.50 -3.27
CA GLU B 138 -14.84 19.32 -1.94
C GLU B 138 -13.34 19.62 -1.93
N ALA B 139 -12.59 19.28 -2.98
CA ALA B 139 -11.15 19.54 -3.04
C ALA B 139 -10.82 21.03 -3.24
N ILE B 140 -11.65 21.76 -4.02
CA ILE B 140 -11.52 23.20 -4.22
C ILE B 140 -11.98 23.93 -2.93
N GLU B 141 -13.07 23.46 -2.30
CA GLU B 141 -13.57 24.02 -1.03
C GLU B 141 -12.48 23.95 0.06
N LEU B 142 -11.71 22.85 0.10
CA LEU B 142 -10.59 22.68 1.03
C LEU B 142 -9.40 23.58 0.64
N TYR B 143 -9.11 23.73 -0.66
CA TYR B 143 -8.03 24.56 -1.20
C TYR B 143 -8.24 26.03 -0.80
N GLU B 144 -9.53 26.43 -0.70
CA GLU B 144 -9.98 27.75 -0.29
C GLU B 144 -9.95 27.85 1.23
N LYS B 145 -10.72 26.98 1.95
CA LYS B 145 -10.81 26.93 3.41
C LYS B 145 -9.45 26.93 4.09
N THR B 146 -8.58 25.99 3.72
CA THR B 146 -7.23 25.89 4.30
C THR B 146 -6.27 26.94 3.76
N ALA B 147 -6.63 27.62 2.64
CA ALA B 147 -5.77 28.57 1.90
C ALA B 147 -4.43 27.89 1.56
N ALA B 148 -4.53 26.64 1.07
CA ALA B 148 -3.41 25.77 0.70
C ALA B 148 -2.70 26.26 -0.53
N LYS B 149 -1.45 25.84 -0.70
CA LYS B 149 -0.63 26.16 -1.87
C LYS B 149 -0.83 25.04 -2.88
N PHE B 150 -1.21 23.84 -2.34
CA PHE B 150 -1.43 22.57 -3.02
C PHE B 150 -2.40 21.65 -2.27
N VAL B 151 -3.40 21.11 -3.00
CA VAL B 151 -4.31 20.07 -2.55
C VAL B 151 -4.12 18.86 -3.47
N ILE B 152 -3.87 17.72 -2.85
CA ILE B 152 -3.62 16.47 -3.53
C ILE B 152 -4.62 15.42 -3.05
N SER B 153 -5.34 14.76 -3.99
CA SER B 153 -6.30 13.70 -3.61
C SER B 153 -5.55 12.43 -3.21
N VAL B 154 -5.83 11.95 -2.00
CA VAL B 154 -5.16 10.80 -1.38
C VAL B 154 -6.16 9.79 -0.82
N PHE B 155 -5.62 8.67 -0.32
CA PHE B 155 -6.33 7.61 0.38
C PHE B 155 -5.41 6.99 1.43
N GLU B 156 -6.00 6.49 2.54
CA GLU B 156 -5.28 5.80 3.60
C GLU B 156 -5.19 4.33 3.16
N PRO B 157 -4.01 3.78 2.83
CA PRO B 157 -3.96 2.37 2.43
C PRO B 157 -4.36 1.40 3.54
N THR B 158 -4.81 0.19 3.16
CA THR B 158 -5.18 -0.84 4.13
C THR B 158 -3.94 -1.18 5.02
N HIS B 159 -2.72 -1.31 4.41
CA HIS B 159 -1.44 -1.53 5.11
C HIS B 159 -0.77 -0.15 5.14
N THR B 160 -0.95 0.60 6.25
CA THR B 160 -0.40 1.96 6.42
C THR B 160 1.13 2.03 6.21
N PRO B 161 1.61 2.98 5.37
CA PRO B 161 3.07 3.11 5.17
C PRO B 161 3.81 3.53 6.45
N ILE B 162 3.07 4.08 7.45
CA ILE B 162 3.62 4.53 8.75
C ILE B 162 4.19 3.37 9.61
N LYS B 163 3.78 2.09 9.31
CA LYS B 163 4.20 0.88 10.01
C LYS B 163 5.09 0.01 9.10
N SER B 164 5.63 0.59 8.02
CA SER B 164 6.50 -0.17 7.10
C SER B 164 7.94 -0.13 7.54
N TYR B 165 8.81 -0.82 6.77
CA TYR B 165 10.25 -0.96 6.99
C TYR B 165 11.00 -0.39 5.80
N LEU B 166 12.19 0.14 6.07
CA LEU B 166 13.07 0.70 5.06
C LEU B 166 14.37 -0.11 5.04
N GLU B 167 14.81 -0.50 3.84
CA GLU B 167 16.04 -1.28 3.61
C GLU B 167 17.28 -0.40 3.62
N ASN B 168 18.17 -0.64 4.62
CA ASN B 168 19.45 0.04 4.83
C ASN B 168 20.52 -0.43 3.83
N ASP B 169 21.66 0.29 3.81
CA ASP B 169 22.78 0.02 2.88
C ASP B 169 23.47 -1.32 3.15
N ASP B 170 23.55 -1.72 4.44
CA ASP B 170 24.15 -2.99 4.84
C ASP B 170 23.27 -4.22 4.50
N GLY B 171 22.01 -3.97 4.14
CA GLY B 171 21.04 -4.99 3.77
C GLY B 171 19.97 -5.19 4.83
N THR B 172 20.20 -4.60 6.01
CA THR B 172 19.34 -4.64 7.19
C THR B 172 18.02 -3.85 6.91
N ILE B 173 17.03 -3.93 7.82
CA ILE B 173 15.75 -3.21 7.73
C ILE B 173 15.36 -2.60 9.08
N SER B 174 14.86 -1.37 9.04
CA SER B 174 14.41 -0.61 10.20
C SER B 174 13.21 0.26 9.80
N GLY B 175 12.30 0.50 10.76
CA GLY B 175 11.08 1.27 10.60
C GLY B 175 11.23 2.54 9.79
N LEU B 176 10.31 2.78 8.83
CA LEU B 176 10.34 3.93 7.94
C LEU B 176 10.07 5.24 8.66
N TYR B 177 9.06 5.26 9.53
CA TYR B 177 8.75 6.46 10.30
C TYR B 177 9.76 6.57 11.46
N SER B 178 9.73 5.59 12.37
CA SER B 178 10.62 5.43 13.51
C SER B 178 10.92 3.90 13.68
N ASN B 179 12.00 3.55 14.42
CA ASN B 179 12.35 2.14 14.69
C ASN B 179 11.25 1.40 15.45
N GLU B 180 10.50 2.13 16.31
CA GLU B 180 9.40 1.56 17.13
C GLU B 180 8.05 1.44 16.40
N ALA B 181 7.89 2.18 15.26
CA ALA B 181 6.65 2.25 14.46
C ALA B 181 6.09 0.90 14.03
N PRO B 182 6.86 -0.06 13.41
CA PRO B 182 6.26 -1.34 13.00
C PRO B 182 5.57 -2.12 14.10
N TYR B 183 5.89 -1.75 15.35
CA TYR B 183 5.44 -2.37 16.59
C TYR B 183 4.39 -1.52 17.32
N GLN B 184 4.37 -0.19 17.10
CA GLN B 184 3.35 0.68 17.71
C GLN B 184 2.05 0.55 16.90
N ARG B 185 0.88 0.59 17.59
CA ARG B 185 -0.41 0.46 16.91
C ARG B 185 -0.77 1.71 16.07
N ARG B 186 -1.61 1.50 15.02
CA ARG B 186 -2.04 2.51 14.04
C ARG B 186 -2.57 3.80 14.67
N GLN B 187 -3.49 3.66 15.66
CA GLN B 187 -4.13 4.74 16.39
C GLN B 187 -3.10 5.72 17.00
N ASP B 188 -2.03 5.16 17.61
CA ASP B 188 -0.94 5.89 18.29
C ASP B 188 0.09 6.51 17.34
N LEU B 189 -0.14 6.42 16.02
CA LEU B 189 0.79 6.95 15.02
C LEU B 189 0.13 7.96 14.06
N PRO B 190 0.91 8.94 13.52
CA PRO B 190 0.31 9.91 12.57
C PRO B 190 -0.07 9.30 11.21
N ARG B 191 -1.21 9.75 10.65
CA ARG B 191 -1.78 9.30 9.38
C ARG B 191 -0.82 9.40 8.21
N ALA B 192 -0.67 8.28 7.49
CA ALA B 192 0.13 8.18 6.27
C ALA B 192 -0.85 7.98 5.09
N TYR B 193 -0.66 8.75 4.03
CA TYR B 193 -1.50 8.78 2.85
C TYR B 193 -0.74 8.42 1.61
N GLN B 194 -1.47 7.93 0.58
CA GLN B 194 -0.91 7.65 -0.74
C GLN B 194 -1.67 8.49 -1.75
N PRO B 195 -1.01 9.13 -2.74
CA PRO B 195 -1.80 9.86 -3.76
C PRO B 195 -2.53 8.88 -4.71
N ASN B 196 -3.78 9.18 -5.11
CA ASN B 196 -4.50 8.34 -6.08
C ASN B 196 -4.40 8.92 -7.50
N GLY B 197 -3.92 10.16 -7.59
CA GLY B 197 -3.71 10.90 -8.83
C GLY B 197 -4.94 11.45 -9.50
N ALA B 198 -6.06 11.51 -8.78
CA ALA B 198 -7.33 11.93 -9.36
C ALA B 198 -7.47 13.41 -9.47
N ILE B 199 -6.97 14.16 -8.46
CA ILE B 199 -7.01 15.62 -8.34
C ILE B 199 -5.68 16.16 -7.79
N TYR B 200 -5.23 17.27 -8.38
CA TYR B 200 -4.05 18.06 -7.99
C TYR B 200 -4.50 19.50 -8.20
N ALA B 201 -4.78 20.21 -7.10
CA ALA B 201 -5.23 21.60 -7.09
C ALA B 201 -4.06 22.48 -6.66
N PHE B 202 -3.57 23.33 -7.55
CA PHE B 202 -2.43 24.18 -7.25
C PHE B 202 -2.58 25.59 -7.87
N SER B 203 -1.65 26.51 -7.54
CA SER B 203 -1.64 27.88 -8.05
C SER B 203 -0.74 27.95 -9.27
N ILE B 204 -1.28 28.47 -10.41
CA ILE B 204 -0.51 28.58 -11.65
C ILE B 204 0.76 29.42 -11.43
N ASP B 205 0.59 30.55 -10.72
CA ASP B 205 1.64 31.53 -10.41
C ASP B 205 2.79 30.92 -9.59
N GLU B 206 2.48 30.14 -8.52
CA GLU B 206 3.49 29.45 -7.70
C GLU B 206 4.23 28.37 -8.52
N PHE B 207 3.47 27.55 -9.30
CA PHE B 207 4.04 26.51 -10.14
C PHE B 207 5.05 27.07 -11.14
N LYS B 208 4.76 28.24 -11.75
CA LYS B 208 5.59 28.90 -12.77
C LYS B 208 6.95 29.30 -12.20
N LEU B 209 6.92 29.81 -10.94
CA LEU B 209 8.04 30.26 -10.11
C LEU B 209 9.05 29.12 -9.88
N ASN B 210 8.55 27.99 -9.36
CA ASN B 210 9.28 26.78 -8.97
C ASN B 210 9.63 25.84 -10.12
N ASN B 211 8.74 25.71 -11.14
CA ASN B 211 8.83 24.76 -12.26
C ASN B 211 8.64 23.33 -11.72
N HIS B 212 7.90 23.21 -10.60
CA HIS B 212 7.54 22.00 -9.84
C HIS B 212 6.35 22.26 -8.90
N PHE B 213 5.78 21.20 -8.32
CA PHE B 213 4.64 21.29 -7.41
C PHE B 213 5.05 21.91 -6.07
N PRO B 214 4.17 22.62 -5.34
CA PRO B 214 4.57 23.19 -4.04
C PRO B 214 5.01 22.12 -3.07
N ARG B 215 6.11 22.39 -2.34
CA ARG B 215 6.63 21.46 -1.33
C ARG B 215 6.20 21.92 0.07
N ASN B 216 5.48 23.07 0.14
CA ASN B 216 5.00 23.65 1.40
C ASN B 216 3.50 23.96 1.33
N LYS B 217 2.82 23.98 2.49
CA LYS B 217 1.38 24.23 2.67
C LYS B 217 0.48 23.28 1.84
N VAL B 218 0.96 22.00 1.67
CA VAL B 218 0.29 20.94 0.94
C VAL B 218 -0.72 20.25 1.86
N PHE B 219 -2.00 20.25 1.48
CA PHE B 219 -3.11 19.66 2.24
C PHE B 219 -3.73 18.46 1.54
N PRO B 220 -4.21 17.44 2.30
CA PRO B 220 -4.77 16.28 1.63
C PRO B 220 -6.30 16.30 1.46
N TYR B 221 -6.77 15.84 0.28
CA TYR B 221 -8.21 15.65 0.05
C TYR B 221 -8.37 14.13 0.11
N VAL B 222 -8.97 13.64 1.20
CA VAL B 222 -9.04 12.21 1.43
C VAL B 222 -10.29 11.58 0.82
N MET B 223 -10.05 10.55 -0.01
CA MET B 223 -11.03 9.73 -0.70
C MET B 223 -10.82 8.29 -0.26
N SER B 224 -11.83 7.43 -0.44
CA SER B 224 -11.71 6.02 -0.06
C SER B 224 -10.75 5.28 -0.97
N GLU B 225 -10.41 4.03 -0.61
CA GLU B 225 -9.52 3.18 -1.40
C GLU B 225 -10.31 2.69 -2.62
N VAL B 226 -11.64 2.68 -2.50
CA VAL B 226 -12.62 2.27 -3.51
C VAL B 226 -12.71 3.33 -4.61
N GLU B 227 -12.88 4.60 -4.21
CA GLU B 227 -12.95 5.80 -5.05
C GLU B 227 -11.61 6.14 -5.69
N SER B 228 -10.51 5.48 -5.25
CA SER B 228 -9.12 5.70 -5.68
C SER B 228 -8.65 4.86 -6.85
N ALA B 229 -9.59 4.13 -7.51
CA ALA B 229 -9.36 3.25 -8.67
C ALA B 229 -8.74 4.01 -9.85
N ASP B 230 -7.55 3.56 -10.29
CA ASP B 230 -6.75 4.12 -11.39
C ASP B 230 -6.67 3.02 -12.48
N ILE B 231 -7.52 3.14 -13.55
CA ILE B 231 -7.61 2.18 -14.68
C ILE B 231 -6.29 2.12 -15.45
N ASP B 232 -5.63 0.95 -15.40
CA ASP B 232 -4.36 0.67 -16.08
C ASP B 232 -4.54 -0.50 -17.07
N THR B 233 -5.28 -1.54 -16.63
CA THR B 233 -5.54 -2.78 -17.34
C THR B 233 -7.03 -2.97 -17.61
N LEU B 234 -7.41 -3.96 -18.48
CA LEU B 234 -8.83 -4.17 -18.75
C LEU B 234 -9.56 -4.84 -17.59
N GLU B 235 -8.83 -5.50 -16.66
CA GLU B 235 -9.49 -6.05 -15.46
C GLU B 235 -9.90 -4.91 -14.52
N ASP B 236 -9.06 -3.83 -14.43
CA ASP B 236 -9.34 -2.57 -13.71
C ASP B 236 -10.64 -1.94 -14.27
N LEU B 237 -10.73 -1.80 -15.61
CA LEU B 237 -11.92 -1.28 -16.28
C LEU B 237 -13.16 -2.12 -16.02
N ARG B 238 -13.03 -3.47 -16.09
CA ARG B 238 -14.14 -4.41 -15.86
C ARG B 238 -14.70 -4.29 -14.42
N LYS B 239 -13.79 -4.24 -13.40
CA LYS B 239 -14.14 -4.04 -11.99
C LYS B 239 -14.93 -2.71 -11.80
N VAL B 240 -14.51 -1.61 -12.48
CA VAL B 240 -15.15 -0.28 -12.43
C VAL B 240 -16.54 -0.31 -13.14
N GLU B 241 -16.68 -1.06 -14.30
CA GLU B 241 -17.95 -1.23 -15.04
C GLU B 241 -18.97 -1.89 -14.09
N GLU B 242 -18.52 -2.93 -13.34
CA GLU B 242 -19.33 -3.65 -12.34
C GLU B 242 -19.63 -2.71 -11.16
N GLN B 243 -18.59 -2.22 -10.45
CA GLN B 243 -18.71 -1.28 -9.32
C GLN B 243 -19.82 -0.27 -9.55
N LEU B 244 -19.90 0.30 -10.78
CA LEU B 244 -20.88 1.31 -11.22
C LEU B 244 -22.35 0.80 -11.31
N LYS B 245 -22.96 0.52 -10.11
CA LYS B 245 -24.32 0.08 -9.75
C LYS B 245 -24.31 -0.85 -8.53
#